data_8OTR
#
_entry.id   8OTR
#
_cell.length_a   167.600
_cell.length_b   167.600
_cell.length_c   51.480
_cell.angle_alpha   90.000
_cell.angle_beta   90.000
_cell.angle_gamma   120.000
#
_symmetry.space_group_name_H-M   'P 31 2 1'
#
loop_
_entity.id
_entity.type
_entity.pdbx_description
1 polymer "2'-O-methyltransferase nsp16"
2 polymer 'Non-structural protein 10'
3 non-polymer 1,2-ETHANEDIOL
4 non-polymer '2-(N-MORPHOLINO)-ETHANESULFONIC ACID'
5 non-polymer S-ADENOSYLMETHIONINE
6 non-polymer (2S,3S,4R,5R)-5-(6-aminopurin-9-yl)-N-(1-methylpiperidin-4-yl)-3,4-bis(oxidanyl)oxolane-2-carboxamide
7 non-polymer 'CHLORIDE ION'
8 non-polymer 'ZINC ION'
9 water water
#
loop_
_entity_poly.entity_id
_entity_poly.type
_entity_poly.pdbx_seq_one_letter_code
_entity_poly.pdbx_strand_id
1 'polypeptide(L)'
;SSQAWQPGVAMPNLYKMQRMLLEKCDLQNYGDSATLPKGIMMNVAKYTQLCQYLNTLTLAVPYNMRVIHFGAGSDKGVAP
GTAVLRQWLPTGTLLVDSDLNDFVSDADSTLIGDCATVHTANKWDLIISDMYDPKTKNVTKENDSKEGFFTYICGFIQQK
LALGGSVAIKITEHSWNADLYKLMGHFAWWTAFVTNVNASSSEAFLIGCNYLGKPREQIDGYVMHANYIFWRNTNPIQLS
SYSLFDMSKFPLKLRGTAVMSLKEGQINDMILSLLSKGRLIIRENNRVVISSDVLVNNENLYFQ
;
A
2 'polypeptide(L)'
;GAGNATEVPANSTVLSFCAFAVDAAKAYKDYLASGGQPITNCVKMLCTHTGTGQAITVTPEANMDQESFGGASCCLYCRC
HIDHPNPKGFCDLKGKYVQIPTTCANDPVGFTLKNTVCTVCGMWKGYGCSCDQLREPMLQ
;
B
#
# COMPACT_ATOMS: atom_id res chain seq x y z
N SER A 1 12.39 -22.51 -6.53
CA SER A 1 11.54 -23.70 -6.45
C SER A 1 10.12 -23.38 -6.86
N SER A 2 9.18 -24.22 -6.38
CA SER A 2 7.75 -23.93 -6.43
C SER A 2 7.43 -22.58 -5.78
N GLN A 3 8.36 -22.07 -4.97
CA GLN A 3 8.22 -20.75 -4.39
C GLN A 3 8.13 -19.67 -5.47
N ALA A 4 8.70 -19.92 -6.65
CA ALA A 4 8.75 -18.91 -7.69
C ALA A 4 7.38 -18.59 -8.25
N TRP A 5 6.41 -19.48 -8.05
CA TRP A 5 5.04 -19.20 -8.47
C TRP A 5 4.19 -18.62 -7.36
N GLN A 6 4.76 -18.46 -6.16
CA GLN A 6 4.06 -17.75 -5.10
C GLN A 6 4.29 -16.26 -5.25
N PRO A 7 3.54 -15.43 -4.52
CA PRO A 7 3.84 -13.99 -4.54
C PRO A 7 5.11 -13.64 -3.77
N GLY A 8 5.63 -14.55 -2.95
CA GLY A 8 6.82 -14.28 -2.18
C GLY A 8 7.04 -15.43 -1.23
N VAL A 9 7.87 -15.19 -0.21
CA VAL A 9 8.25 -16.25 0.72
C VAL A 9 8.11 -15.70 2.13
N ALA A 10 7.39 -16.42 2.97
CA ALA A 10 7.25 -16.05 4.39
C ALA A 10 8.31 -16.79 5.22
N MET A 11 8.87 -16.13 6.25
CA MET A 11 9.78 -16.76 7.20
C MET A 11 9.29 -18.12 7.70
N PRO A 12 10.00 -19.22 7.43
CA PRO A 12 9.61 -20.52 8.00
C PRO A 12 9.67 -20.52 9.51
N ASN A 13 8.70 -21.21 10.13
CA ASN A 13 8.55 -21.19 11.58
C ASN A 13 9.82 -21.60 12.30
N LEU A 14 10.57 -22.56 11.75
CA LEU A 14 11.73 -23.08 12.47
C LEU A 14 12.77 -21.99 12.66
N TYR A 15 12.91 -21.08 11.68
CA TYR A 15 13.83 -19.96 11.84
C TYR A 15 13.36 -19.02 12.94
N LYS A 16 12.05 -18.83 13.09
CA LYS A 16 11.54 -17.97 14.15
C LYS A 16 11.92 -18.49 15.53
N MET A 17 12.09 -19.80 15.69
CA MET A 17 12.41 -20.32 17.02
C MET A 17 13.89 -20.45 17.31
N GLN A 18 14.76 -19.90 16.47
CA GLN A 18 16.18 -20.01 16.78
C GLN A 18 16.59 -18.94 17.80
N ARG A 19 17.88 -18.95 18.13
N ARG A 19 17.88 -18.96 18.14
CA ARG A 19 18.51 -17.93 18.97
CA ARG A 19 18.52 -17.93 18.97
C ARG A 19 19.80 -17.45 18.31
C ARG A 19 19.81 -17.46 18.31
N MET A 20 19.71 -17.00 17.06
CA MET A 20 20.89 -16.46 16.37
C MET A 20 21.39 -15.13 16.93
N LEU A 21 22.67 -14.89 16.65
CA LEU A 21 23.34 -13.61 16.82
C LEU A 21 23.25 -12.83 15.52
N LEU A 22 23.16 -11.51 15.64
CA LEU A 22 23.00 -10.68 14.46
C LEU A 22 24.27 -10.67 13.64
N GLU A 23 24.15 -10.96 12.35
CA GLU A 23 25.26 -10.84 11.42
C GLU A 23 24.89 -9.88 10.31
N LYS A 24 25.89 -9.55 9.51
CA LYS A 24 25.67 -8.81 8.26
C LYS A 24 24.84 -9.62 7.29
N CYS A 25 23.96 -8.95 6.54
CA CYS A 25 23.15 -9.59 5.51
C CYS A 25 23.91 -9.60 4.20
N ASP A 26 24.22 -10.78 3.68
N ASP A 26 24.25 -10.79 3.70
CA ASP A 26 24.92 -10.96 2.41
CA ASP A 26 24.91 -10.96 2.41
C ASP A 26 24.05 -11.84 1.52
C ASP A 26 24.01 -11.83 1.54
N LEU A 27 23.34 -11.21 0.58
CA LEU A 27 22.38 -11.94 -0.26
C LEU A 27 23.09 -12.43 -1.52
N GLN A 28 22.92 -13.72 -1.81
CA GLN A 28 23.55 -14.31 -2.99
C GLN A 28 23.06 -13.64 -4.27
N ASN A 29 21.74 -13.48 -4.41
N ASN A 29 21.74 -13.45 -4.38
CA ASN A 29 21.18 -12.84 -5.59
CA ASN A 29 21.11 -12.85 -5.54
C ASN A 29 21.19 -11.33 -5.50
C ASN A 29 21.22 -11.33 -5.53
N TYR A 30 22.07 -10.77 -4.66
CA TYR A 30 22.16 -9.32 -4.53
C TYR A 30 22.44 -8.67 -5.87
N GLY A 31 21.77 -7.54 -6.13
CA GLY A 31 22.01 -6.82 -7.36
C GLY A 31 21.13 -7.26 -8.52
N ASP A 32 20.85 -8.57 -8.62
CA ASP A 32 19.90 -9.05 -9.61
C ASP A 32 18.59 -8.27 -9.50
N SER A 33 17.89 -8.16 -10.63
CA SER A 33 16.61 -7.47 -10.70
C SER A 33 15.61 -8.36 -11.43
N ALA A 34 14.38 -8.39 -10.92
CA ALA A 34 13.32 -9.13 -11.60
C ALA A 34 12.88 -8.39 -12.85
N THR A 35 12.43 -9.14 -13.85
CA THR A 35 11.87 -8.56 -15.07
C THR A 35 10.40 -8.28 -14.83
N LEU A 36 10.05 -7.00 -14.79
CA LEU A 36 8.68 -6.61 -14.47
C LEU A 36 7.83 -6.62 -15.74
N PRO A 37 6.53 -6.86 -15.66
CA PRO A 37 5.69 -6.73 -16.85
C PRO A 37 5.83 -5.33 -17.44
N LYS A 38 5.65 -5.23 -18.76
CA LYS A 38 5.84 -3.97 -19.47
C LYS A 38 5.11 -2.81 -18.80
N GLY A 39 5.86 -1.75 -18.48
CA GLY A 39 5.27 -0.52 -17.97
C GLY A 39 4.82 -0.55 -16.53
N ILE A 40 5.12 -1.61 -15.79
CA ILE A 40 4.67 -1.76 -14.41
C ILE A 40 5.81 -1.31 -13.49
N MET A 41 5.50 -0.40 -12.55
CA MET A 41 6.50 0.09 -11.59
C MET A 41 6.80 -0.97 -10.52
N MET A 42 8.04 -0.95 -10.00
CA MET A 42 8.39 -1.83 -8.90
C MET A 42 7.43 -1.74 -7.72
N ASN A 43 7.02 -0.54 -7.34
CA ASN A 43 6.18 -0.47 -6.14
C ASN A 43 4.79 -1.02 -6.38
N VAL A 44 4.28 -0.96 -7.62
CA VAL A 44 3.00 -1.61 -7.93
C VAL A 44 3.16 -3.13 -7.85
N ALA A 45 4.23 -3.65 -8.44
CA ALA A 45 4.51 -5.09 -8.39
C ALA A 45 4.66 -5.55 -6.95
N LYS A 46 5.37 -4.76 -6.16
CA LYS A 46 5.67 -5.14 -4.79
C LYS A 46 4.42 -5.16 -3.94
N TYR A 47 3.62 -4.09 -4.01
CA TYR A 47 2.36 -4.06 -3.26
C TYR A 47 1.39 -5.14 -3.73
N THR A 48 1.34 -5.41 -5.03
CA THR A 48 0.49 -6.49 -5.54
C THR A 48 0.87 -7.83 -4.91
N GLN A 49 2.16 -8.13 -4.82
CA GLN A 49 2.55 -9.40 -4.23
C GLN A 49 2.29 -9.41 -2.73
N LEU A 50 2.49 -8.27 -2.06
CA LEU A 50 2.13 -8.19 -0.64
C LEU A 50 0.64 -8.49 -0.46
N CYS A 51 -0.20 -7.84 -1.27
CA CYS A 51 -1.64 -8.06 -1.13
C CYS A 51 -2.02 -9.50 -1.50
N GLN A 52 -1.41 -10.05 -2.55
CA GLN A 52 -1.63 -11.47 -2.86
C GLN A 52 -1.31 -12.36 -1.67
N TYR A 53 -0.21 -12.07 -0.95
CA TYR A 53 0.10 -12.87 0.24
C TYR A 53 -0.93 -12.66 1.35
N LEU A 54 -1.32 -11.41 1.58
CA LEU A 54 -2.28 -11.14 2.65
C LEU A 54 -3.62 -11.81 2.38
N ASN A 55 -3.96 -12.03 1.11
CA ASN A 55 -5.16 -12.80 0.80
C ASN A 55 -5.13 -14.20 1.41
N THR A 56 -3.95 -14.71 1.76
CA THR A 56 -3.90 -16.08 2.28
C THR A 56 -4.01 -16.14 3.79
N LEU A 57 -4.13 -14.99 4.46
CA LEU A 57 -4.20 -14.94 5.91
C LEU A 57 -5.65 -14.77 6.35
N THR A 58 -5.88 -14.78 7.67
CA THR A 58 -7.23 -14.63 8.21
C THR A 58 -7.51 -13.17 8.62
N LEU A 59 -7.33 -12.28 7.66
CA LEU A 59 -7.63 -10.87 7.87
C LEU A 59 -9.11 -10.68 8.18
N ALA A 60 -9.40 -9.85 9.17
CA ALA A 60 -10.76 -9.38 9.38
C ALA A 60 -11.09 -8.31 8.35
N VAL A 61 -12.25 -8.42 7.72
CA VAL A 61 -12.65 -7.52 6.65
C VAL A 61 -14.09 -7.07 6.91
N PRO A 62 -14.30 -6.07 7.76
CA PRO A 62 -15.66 -5.64 8.10
C PRO A 62 -16.23 -4.69 7.06
N TYR A 63 -17.55 -4.46 7.15
CA TYR A 63 -18.14 -3.31 6.47
C TYR A 63 -17.60 -2.04 7.11
N ASN A 64 -17.53 -0.97 6.34
CA ASN A 64 -16.98 0.29 6.87
C ASN A 64 -15.55 0.08 7.37
N MET A 65 -14.78 -0.69 6.62
CA MET A 65 -13.40 -0.95 6.99
C MET A 65 -12.55 0.31 6.86
N ARG A 66 -11.52 0.43 7.68
CA ARG A 66 -10.68 1.62 7.79
C ARG A 66 -9.23 1.18 7.71
N VAL A 67 -8.49 1.72 6.74
CA VAL A 67 -7.08 1.35 6.52
C VAL A 67 -6.24 2.62 6.46
N ILE A 68 -5.07 2.60 7.08
CA ILE A 68 -4.18 3.77 7.03
C ILE A 68 -2.83 3.30 6.53
N HIS A 69 -2.21 4.10 5.66
CA HIS A 69 -1.03 3.74 4.88
C HIS A 69 0.03 4.82 5.07
N PHE A 70 1.09 4.49 5.81
CA PHE A 70 2.20 5.39 6.09
C PHE A 70 3.34 5.18 5.09
N GLY A 71 4.06 6.28 4.79
CA GLY A 71 5.14 6.19 3.83
C GLY A 71 4.65 5.98 2.42
N ALA A 72 3.54 6.60 2.05
CA ALA A 72 2.86 6.29 0.80
C ALA A 72 3.33 7.09 -0.40
N GLY A 73 4.15 8.13 -0.19
CA GLY A 73 4.62 8.93 -1.31
C GLY A 73 5.85 8.32 -1.97
N SER A 74 6.03 8.60 -3.25
CA SER A 74 7.23 8.23 -3.98
C SER A 74 8.02 9.46 -4.37
N ASP A 75 9.28 9.25 -4.78
CA ASP A 75 10.05 10.36 -5.33
C ASP A 75 9.47 10.84 -6.65
N LYS A 76 8.50 10.11 -7.22
CA LYS A 76 7.78 10.58 -8.40
C LYS A 76 6.65 11.52 -8.04
N GLY A 77 6.37 11.70 -6.75
CA GLY A 77 5.25 12.54 -6.35
C GLY A 77 3.88 11.92 -6.54
N VAL A 78 3.80 10.59 -6.72
CA VAL A 78 2.52 9.88 -6.76
C VAL A 78 2.55 8.79 -5.68
N ALA A 79 1.52 7.97 -5.63
CA ALA A 79 1.36 6.97 -4.56
C ALA A 79 0.98 5.63 -5.19
N PRO A 80 1.95 4.94 -5.80
CA PRO A 80 1.63 3.64 -6.43
C PRO A 80 1.09 2.61 -5.44
N GLY A 81 1.69 2.53 -4.25
CA GLY A 81 1.22 1.58 -3.25
C GLY A 81 -0.22 1.85 -2.82
N THR A 82 -0.58 3.12 -2.65
CA THR A 82 -1.97 3.42 -2.30
C THR A 82 -2.91 2.98 -3.41
N ALA A 83 -2.51 3.16 -4.67
CA ALA A 83 -3.36 2.73 -5.77
C ALA A 83 -3.62 1.24 -5.71
N VAL A 84 -2.59 0.43 -5.41
CA VAL A 84 -2.79 -1.01 -5.30
C VAL A 84 -3.67 -1.35 -4.10
N LEU A 85 -3.42 -0.71 -2.96
CA LEU A 85 -4.25 -0.99 -1.78
C LEU A 85 -5.73 -0.71 -2.08
N ARG A 86 -6.01 0.38 -2.77
CA ARG A 86 -7.40 0.73 -3.06
C ARG A 86 -8.02 -0.25 -4.06
N GLN A 87 -7.23 -0.73 -5.01
CA GLN A 87 -7.66 -1.79 -5.91
C GLN A 87 -7.99 -3.05 -5.13
N TRP A 88 -7.10 -3.43 -4.21
CA TRP A 88 -7.25 -4.66 -3.44
C TRP A 88 -8.44 -4.58 -2.48
N LEU A 89 -8.54 -3.49 -1.73
CA LEU A 89 -9.53 -3.40 -0.66
C LEU A 89 -10.94 -3.30 -1.24
N PRO A 90 -11.94 -3.80 -0.53
CA PRO A 90 -13.32 -3.69 -1.04
C PRO A 90 -13.68 -2.24 -1.35
N THR A 91 -14.52 -2.06 -2.37
CA THR A 91 -14.96 -0.72 -2.71
C THR A 91 -15.66 -0.08 -1.52
N GLY A 92 -15.37 1.20 -1.28
CA GLY A 92 -15.90 1.90 -0.14
C GLY A 92 -15.01 1.86 1.09
N THR A 93 -14.01 0.99 1.14
CA THR A 93 -13.08 0.99 2.27
C THR A 93 -12.50 2.38 2.46
N LEU A 94 -12.52 2.86 3.70
CA LEU A 94 -11.93 4.18 4.00
C LEU A 94 -10.42 4.05 4.01
N LEU A 95 -9.72 4.77 3.12
CA LEU A 95 -8.27 4.65 3.01
C LEU A 95 -7.64 6.02 3.25
N VAL A 96 -6.75 6.11 4.24
CA VAL A 96 -6.02 7.34 4.55
C VAL A 96 -4.54 7.07 4.31
N ASP A 97 -3.83 7.99 3.68
CA ASP A 97 -2.38 7.76 3.55
C ASP A 97 -1.60 9.00 3.94
N SER A 98 -0.28 8.84 4.08
CA SER A 98 0.54 9.89 4.67
C SER A 98 2.00 9.69 4.26
N ASP A 99 2.72 10.80 4.17
CA ASP A 99 4.17 10.77 3.98
C ASP A 99 4.77 12.11 4.35
N LEU A 100 6.09 12.11 4.51
CA LEU A 100 6.80 13.33 4.88
C LEU A 100 6.67 14.40 3.79
N ASN A 101 6.66 13.98 2.53
CA ASN A 101 6.82 14.89 1.40
C ASN A 101 5.53 14.86 0.57
N ASP A 102 5.23 15.96 -0.11
N ASP A 102 5.26 15.97 -0.12
CA ASP A 102 3.94 16.06 -0.78
CA ASP A 102 4.03 16.10 -0.91
C ASP A 102 3.86 15.14 -2.00
C ASP A 102 3.91 14.98 -1.94
N PHE A 103 2.67 14.58 -2.22
CA PHE A 103 2.42 13.62 -3.30
C PHE A 103 0.93 13.65 -3.59
N VAL A 104 0.56 13.21 -4.79
CA VAL A 104 -0.84 13.14 -5.17
C VAL A 104 -1.29 11.69 -5.08
N SER A 105 -2.51 11.48 -4.59
CA SER A 105 -2.91 10.17 -4.11
C SER A 105 -4.37 9.91 -4.43
N ASP A 106 -4.71 8.63 -4.53
CA ASP A 106 -6.09 8.15 -4.67
C ASP A 106 -6.74 7.85 -3.34
N ALA A 107 -6.05 8.07 -2.22
CA ALA A 107 -6.64 7.81 -0.91
C ALA A 107 -7.78 8.78 -0.62
N ASP A 108 -8.65 8.39 0.31
CA ASP A 108 -9.76 9.28 0.65
C ASP A 108 -9.28 10.52 1.36
N SER A 109 -8.15 10.44 2.07
CA SER A 109 -7.54 11.61 2.67
C SER A 109 -6.07 11.33 2.79
N THR A 110 -5.27 12.40 2.68
CA THR A 110 -3.82 12.32 2.67
C THR A 110 -3.27 13.37 3.64
N LEU A 111 -2.39 12.98 4.56
CA LEU A 111 -1.76 13.91 5.49
C LEU A 111 -0.29 14.00 5.15
N ILE A 112 0.23 15.21 5.01
CA ILE A 112 1.64 15.41 4.64
C ILE A 112 2.39 15.90 5.86
N GLY A 113 3.42 15.16 6.24
CA GLY A 113 4.29 15.57 7.32
C GLY A 113 4.87 14.35 8.01
N ASP A 114 5.70 14.63 9.02
CA ASP A 114 6.29 13.56 9.81
C ASP A 114 5.17 12.72 10.42
N CYS A 115 5.33 11.39 10.37
CA CYS A 115 4.25 10.53 10.85
C CYS A 115 3.93 10.81 12.30
N ALA A 116 4.91 11.23 13.10
CA ALA A 116 4.63 11.50 14.50
C ALA A 116 3.65 12.64 14.69
N THR A 117 3.41 13.45 13.65
CA THR A 117 2.41 14.50 13.75
C THR A 117 0.98 14.00 13.51
N VAL A 118 0.80 12.75 13.05
CA VAL A 118 -0.51 12.25 12.66
C VAL A 118 -1.27 11.76 13.89
N HIS A 119 -2.53 12.20 14.04
CA HIS A 119 -3.41 11.71 15.10
C HIS A 119 -4.75 11.32 14.52
N THR A 120 -5.39 10.33 15.12
CA THR A 120 -6.70 9.91 14.65
C THR A 120 -7.60 9.70 15.85
N ALA A 121 -8.87 10.09 15.69
CA ALA A 121 -9.85 9.86 16.75
C ALA A 121 -10.27 8.39 16.80
N ASN A 122 -10.27 7.74 15.64
CA ASN A 122 -10.79 6.38 15.48
C ASN A 122 -9.67 5.34 15.52
N LYS A 123 -10.08 4.08 15.62
CA LYS A 123 -9.19 2.93 15.49
C LYS A 123 -9.25 2.40 14.06
N TRP A 124 -8.28 1.55 13.72
CA TRP A 124 -8.09 1.10 12.34
C TRP A 124 -8.11 -0.42 12.27
N ASP A 125 -8.55 -0.94 11.12
CA ASP A 125 -8.60 -2.39 10.90
C ASP A 125 -7.34 -2.94 10.25
N LEU A 126 -6.57 -2.09 9.57
CA LEU A 126 -5.33 -2.50 8.90
C LEU A 126 -4.42 -1.30 8.86
N ILE A 127 -3.15 -1.50 9.20
CA ILE A 127 -2.11 -0.47 9.11
C ILE A 127 -1.02 -0.99 8.19
N ILE A 128 -0.71 -0.25 7.13
CA ILE A 128 0.37 -0.53 6.18
C ILE A 128 1.44 0.55 6.33
N SER A 129 2.70 0.15 6.44
CA SER A 129 3.76 1.16 6.43
C SER A 129 4.83 0.76 5.43
N ASP A 130 5.17 1.67 4.52
CA ASP A 130 6.37 1.55 3.70
C ASP A 130 7.42 2.60 4.05
N MET A 131 7.34 3.15 5.25
CA MET A 131 8.23 4.22 5.68
C MET A 131 9.66 3.69 5.69
N TYR A 132 10.60 4.51 5.22
CA TYR A 132 11.95 4.02 5.02
C TYR A 132 12.88 5.21 4.84
N ASP A 133 14.06 5.15 5.44
CA ASP A 133 15.07 6.18 5.25
C ASP A 133 16.32 5.52 4.68
N PRO A 134 16.68 5.77 3.41
CA PRO A 134 17.82 5.05 2.82
C PRO A 134 19.12 5.28 3.55
N LYS A 135 19.21 6.31 4.38
CA LYS A 135 20.43 6.56 5.14
C LYS A 135 20.70 5.50 6.21
N THR A 136 19.71 4.68 6.57
CA THR A 136 19.99 3.58 7.50
C THR A 136 20.90 2.53 6.89
N LYS A 137 20.93 2.41 5.57
CA LYS A 137 21.73 1.38 4.91
C LYS A 137 23.20 1.80 4.94
N ASN A 138 23.81 1.68 6.12
CA ASN A 138 25.21 2.06 6.35
C ASN A 138 25.97 0.83 6.83
N VAL A 139 26.64 0.15 5.89
CA VAL A 139 27.33 -1.09 6.20
C VAL A 139 28.56 -0.88 7.07
N THR A 140 28.99 0.37 7.25
CA THR A 140 30.20 0.63 8.03
C THR A 140 29.96 0.83 9.52
N LYS A 141 28.70 0.88 9.97
CA LYS A 141 28.43 1.09 11.38
C LYS A 141 27.62 -0.07 11.94
N GLU A 142 27.62 -0.17 13.27
CA GLU A 142 26.85 -1.19 13.96
C GLU A 142 25.38 -1.07 13.59
N ASN A 143 24.68 -2.20 13.59
CA ASN A 143 23.28 -2.25 13.15
C ASN A 143 22.43 -2.38 14.41
N ASP A 144 22.06 -1.26 15.02
CA ASP A 144 21.26 -1.29 16.24
C ASP A 144 19.79 -1.12 15.92
N SER A 145 18.96 -1.45 16.88
CA SER A 145 17.53 -1.21 16.75
C SER A 145 17.29 0.27 16.51
N LYS A 146 16.43 0.61 15.55
CA LYS A 146 16.17 2.00 15.19
C LYS A 146 14.90 2.51 15.87
N GLU A 147 14.92 3.79 16.23
N GLU A 147 14.90 3.80 16.20
CA GLU A 147 13.74 4.42 16.82
CA GLU A 147 13.74 4.41 16.83
C GLU A 147 12.99 5.19 15.74
C GLU A 147 12.96 5.19 15.78
N GLY A 148 12.98 6.52 15.84
CA GLY A 148 12.33 7.31 14.81
C GLY A 148 10.89 6.89 14.58
N PHE A 149 10.53 6.67 13.30
CA PHE A 149 9.13 6.34 12.99
C PHE A 149 8.71 4.97 13.51
N PHE A 150 9.67 4.12 13.88
CA PHE A 150 9.29 2.84 14.49
C PHE A 150 8.71 3.05 15.88
N THR A 151 9.25 4.01 16.63
CA THR A 151 8.67 4.30 17.94
C THR A 151 7.22 4.77 17.79
N TYR A 152 6.97 5.63 16.80
CA TYR A 152 5.60 6.06 16.53
C TYR A 152 4.71 4.87 16.17
N ILE A 153 5.17 4.01 15.27
CA ILE A 153 4.37 2.89 14.78
C ILE A 153 3.98 1.96 15.93
N CYS A 154 4.92 1.66 16.83
CA CYS A 154 4.60 0.79 17.97
C CYS A 154 3.52 1.41 18.84
N GLY A 155 3.66 2.69 19.18
CA GLY A 155 2.63 3.34 19.96
C GLY A 155 1.30 3.40 19.24
N PHE A 156 1.33 3.66 17.93
CA PHE A 156 0.11 3.80 17.15
C PHE A 156 -0.65 2.47 17.09
N ILE A 157 0.07 1.37 16.91
CA ILE A 157 -0.56 0.06 16.95
C ILE A 157 -1.24 -0.16 18.30
N GLN A 158 -0.51 0.07 19.39
CA GLN A 158 -1.06 -0.24 20.69
C GLN A 158 -2.23 0.66 21.05
N GLN A 159 -2.27 1.87 20.50
CA GLN A 159 -3.32 2.82 20.84
C GLN A 159 -4.49 2.81 19.85
N LYS A 160 -4.24 2.52 18.57
CA LYS A 160 -5.25 2.76 17.53
C LYS A 160 -5.53 1.59 16.59
N LEU A 161 -4.91 0.44 16.77
CA LEU A 161 -5.29 -0.74 16.00
C LEU A 161 -6.45 -1.46 16.70
N ALA A 162 -7.52 -1.71 15.97
CA ALA A 162 -8.64 -2.46 16.54
C ALA A 162 -8.19 -3.86 16.91
N LEU A 163 -8.73 -4.39 18.00
CA LEU A 163 -8.55 -5.82 18.23
C LEU A 163 -9.09 -6.60 17.04
N GLY A 164 -8.34 -7.59 16.58
CA GLY A 164 -8.66 -8.28 15.35
C GLY A 164 -7.98 -7.72 14.12
N GLY A 165 -7.48 -6.50 14.17
CA GLY A 165 -6.86 -5.87 13.02
C GLY A 165 -5.48 -6.46 12.72
N SER A 166 -4.90 -6.03 11.60
CA SER A 166 -3.61 -6.57 11.19
C SER A 166 -2.71 -5.43 10.72
N VAL A 167 -1.41 -5.72 10.62
CA VAL A 167 -0.44 -4.73 10.13
C VAL A 167 0.53 -5.39 9.17
N ALA A 168 1.09 -4.57 8.28
CA ALA A 168 2.24 -4.96 7.45
C ALA A 168 3.22 -3.79 7.45
N ILE A 169 4.39 -3.95 8.05
CA ILE A 169 5.35 -2.85 8.26
C ILE A 169 6.66 -3.21 7.57
N LYS A 170 7.09 -2.37 6.61
CA LYS A 170 8.32 -2.66 5.87
C LYS A 170 9.51 -2.49 6.80
N ILE A 171 10.41 -3.49 6.78
CA ILE A 171 11.72 -3.43 7.42
C ILE A 171 12.76 -3.83 6.38
N THR A 172 14.03 -3.68 6.77
CA THR A 172 15.18 -4.13 6.00
C THR A 172 16.24 -4.62 6.98
N GLU A 173 17.40 -4.99 6.46
CA GLU A 173 18.49 -5.37 7.36
C GLU A 173 18.73 -4.28 8.40
N HIS A 174 18.84 -3.03 7.96
CA HIS A 174 19.15 -1.92 8.86
C HIS A 174 17.95 -1.12 9.32
N SER A 175 16.80 -1.22 8.66
CA SER A 175 15.61 -0.47 9.07
C SER A 175 14.68 -1.41 9.83
N TRP A 176 14.81 -1.40 11.16
CA TRP A 176 14.06 -2.35 12.00
C TRP A 176 14.06 -1.84 13.44
N ASN A 177 13.20 -2.45 14.24
CA ASN A 177 13.02 -2.02 15.62
C ASN A 177 12.70 -3.23 16.49
N ALA A 178 13.37 -3.35 17.62
CA ALA A 178 13.20 -4.54 18.45
C ALA A 178 11.81 -4.60 19.09
N ASP A 179 11.27 -3.46 19.52
CA ASP A 179 9.93 -3.45 20.10
C ASP A 179 8.86 -3.82 19.10
N LEU A 180 9.08 -3.52 17.82
CA LEU A 180 8.08 -3.91 16.83
C LEU A 180 8.01 -5.42 16.70
N TYR A 181 9.16 -6.11 16.66
CA TYR A 181 9.14 -7.56 16.69
C TYR A 181 8.48 -8.07 17.97
N LYS A 182 8.80 -7.46 19.11
CA LYS A 182 8.18 -7.89 20.35
C LYS A 182 6.67 -7.73 20.27
N LEU A 183 6.22 -6.66 19.65
CA LEU A 183 4.78 -6.43 19.48
C LEU A 183 4.16 -7.47 18.56
N MET A 184 4.96 -8.16 17.75
CA MET A 184 4.34 -9.16 16.90
C MET A 184 3.81 -10.31 17.75
N GLY A 185 4.33 -10.47 18.98
CA GLY A 185 3.81 -11.46 19.91
C GLY A 185 2.45 -11.12 20.48
N HIS A 186 1.90 -9.94 20.15
CA HIS A 186 0.56 -9.54 20.58
C HIS A 186 -0.49 -9.78 19.51
N PHE A 187 -0.11 -10.46 18.43
CA PHE A 187 -1.04 -10.89 17.40
C PHE A 187 -1.20 -12.42 17.45
N ALA A 188 -2.33 -12.91 16.93
CA ALA A 188 -2.54 -14.35 16.88
C ALA A 188 -1.46 -15.05 16.07
N TRP A 189 -0.89 -14.37 15.09
CA TRP A 189 0.11 -14.96 14.21
C TRP A 189 0.91 -13.82 13.59
N TRP A 190 2.15 -14.13 13.21
CA TRP A 190 3.01 -13.11 12.62
C TRP A 190 4.01 -13.77 11.69
N THR A 191 4.52 -13.00 10.74
CA THR A 191 5.62 -13.48 9.92
C THR A 191 6.40 -12.30 9.37
N ALA A 192 7.49 -12.61 8.67
CA ALA A 192 8.23 -11.65 7.87
C ALA A 192 8.14 -12.14 6.44
N PHE A 193 7.55 -11.32 5.55
CA PHE A 193 7.22 -11.74 4.18
C PHE A 193 8.09 -11.01 3.18
N VAL A 194 8.74 -11.76 2.28
CA VAL A 194 9.61 -11.20 1.26
C VAL A 194 8.92 -11.35 -0.08
N THR A 195 8.72 -10.24 -0.80
CA THR A 195 8.08 -10.35 -2.11
C THR A 195 9.06 -10.95 -3.10
N ASN A 196 8.53 -11.75 -4.03
CA ASN A 196 9.41 -12.38 -5.01
C ASN A 196 9.98 -11.35 -5.99
N VAL A 197 9.28 -10.25 -6.26
CA VAL A 197 9.87 -9.27 -7.18
C VAL A 197 11.05 -8.54 -6.55
N ASN A 198 11.15 -8.48 -5.23
CA ASN A 198 12.25 -7.73 -4.59
C ASN A 198 13.14 -8.62 -3.74
N ALA A 199 13.18 -9.91 -4.07
CA ALA A 199 13.86 -10.94 -3.29
C ALA A 199 15.36 -10.73 -3.19
N SER A 200 15.94 -9.87 -4.01
CA SER A 200 17.37 -9.59 -3.88
C SER A 200 17.67 -8.53 -2.83
N SER A 201 16.64 -7.97 -2.20
CA SER A 201 16.79 -6.98 -1.14
C SER A 201 16.54 -7.64 0.21
N SER A 202 17.21 -7.14 1.26
CA SER A 202 16.90 -7.56 2.63
C SER A 202 15.56 -7.03 3.14
N GLU A 203 14.87 -6.24 2.32
CA GLU A 203 13.51 -5.81 2.67
C GLU A 203 12.62 -7.00 3.02
N ALA A 204 11.72 -6.78 3.98
CA ALA A 204 10.58 -7.68 4.21
C ALA A 204 9.44 -6.85 4.80
N PHE A 205 8.23 -7.41 4.78
CA PHE A 205 7.10 -6.84 5.51
C PHE A 205 6.87 -7.66 6.76
N LEU A 206 7.03 -7.03 7.94
CA LEU A 206 6.65 -7.68 9.18
C LEU A 206 5.14 -7.64 9.29
N ILE A 207 4.49 -8.80 9.30
CA ILE A 207 3.04 -8.91 9.26
C ILE A 207 2.55 -9.44 10.60
N GLY A 208 1.67 -8.68 11.24
CA GLY A 208 1.00 -9.13 12.44
C GLY A 208 -0.46 -9.39 12.08
N CYS A 209 -0.95 -10.59 12.35
CA CYS A 209 -2.26 -11.02 11.88
C CYS A 209 -3.19 -11.21 13.09
N ASN A 210 -4.23 -10.38 13.18
N ASN A 210 -4.22 -10.36 13.19
CA ASN A 210 -5.25 -10.44 14.23
CA ASN A 210 -5.27 -10.43 14.21
C ASN A 210 -4.70 -10.00 15.58
C ASN A 210 -4.75 -10.01 15.59
N TYR A 211 -4.79 -8.70 15.85
CA TYR A 211 -4.26 -8.11 17.07
C TYR A 211 -5.07 -8.54 18.29
N LEU A 212 -4.37 -8.99 19.33
CA LEU A 212 -5.01 -9.42 20.57
C LEU A 212 -4.91 -8.40 21.69
N GLY A 213 -4.11 -7.34 21.52
CA GLY A 213 -4.02 -6.33 22.55
C GLY A 213 -3.26 -6.74 23.80
N LYS A 214 -2.67 -7.93 23.81
CA LYS A 214 -1.85 -8.38 24.92
C LYS A 214 -0.91 -9.45 24.39
N PRO A 215 0.16 -9.77 25.12
CA PRO A 215 1.12 -10.77 24.63
C PRO A 215 0.52 -12.16 24.64
N ARG A 216 0.50 -12.78 23.46
CA ARG A 216 0.36 -14.22 23.36
C ARG A 216 1.70 -14.91 23.60
N GLU A 217 2.79 -14.21 23.29
CA GLU A 217 4.12 -14.80 23.27
C GLU A 217 5.11 -13.69 23.58
N GLN A 218 6.13 -14.00 24.39
CA GLN A 218 7.18 -13.04 24.69
C GLN A 218 8.29 -13.20 23.66
N ILE A 219 8.54 -12.15 22.89
CA ILE A 219 9.50 -12.18 21.80
C ILE A 219 10.61 -11.20 22.12
N ASP A 220 11.85 -11.67 22.10
CA ASP A 220 12.99 -10.79 22.18
C ASP A 220 13.27 -10.28 20.76
N GLY A 221 13.08 -8.98 20.54
CA GLY A 221 13.17 -8.44 19.19
C GLY A 221 14.58 -8.38 18.63
N TYR A 222 15.58 -8.23 19.48
CA TYR A 222 16.97 -8.29 18.97
C TYR A 222 17.27 -9.68 18.42
N VAL A 223 16.89 -10.71 19.16
CA VAL A 223 17.09 -12.08 18.70
C VAL A 223 16.24 -12.38 17.45
N MET A 224 14.99 -11.92 17.43
CA MET A 224 14.16 -12.22 16.26
C MET A 224 14.73 -11.61 14.99
N HIS A 225 15.26 -10.38 15.07
CA HIS A 225 15.81 -9.82 13.85
C HIS A 225 17.04 -10.58 13.41
N ALA A 226 17.86 -11.02 14.37
CA ALA A 226 18.99 -11.88 14.02
C ALA A 226 18.50 -13.14 13.34
N ASN A 227 17.40 -13.73 13.86
CA ASN A 227 16.78 -14.89 13.23
C ASN A 227 16.34 -14.60 11.81
N TYR A 228 15.74 -13.42 11.60
CA TYR A 228 15.31 -13.04 10.26
C TYR A 228 16.50 -12.95 9.32
N ILE A 229 17.59 -12.33 9.76
CA ILE A 229 18.74 -12.17 8.89
C ILE A 229 19.38 -13.53 8.60
N PHE A 230 19.42 -14.40 9.59
CA PHE A 230 19.97 -15.74 9.37
C PHE A 230 19.19 -16.46 8.28
N TRP A 231 17.86 -16.39 8.36
CA TRP A 231 17.03 -16.97 7.31
C TRP A 231 17.39 -16.40 5.95
N ARG A 232 17.38 -15.06 5.82
CA ARG A 232 17.74 -14.43 4.55
C ARG A 232 19.14 -14.85 4.11
N ASN A 233 20.10 -14.90 5.05
CA ASN A 233 21.48 -15.19 4.69
C ASN A 233 21.65 -16.61 4.15
N THR A 234 20.79 -17.54 4.55
CA THR A 234 20.99 -18.93 4.20
C THR A 234 19.96 -19.47 3.21
N ASN A 235 19.00 -18.64 2.78
CA ASN A 235 17.92 -19.09 1.90
C ASN A 235 17.78 -18.13 0.74
N PRO A 236 18.64 -18.24 -0.26
CA PRO A 236 18.48 -17.43 -1.47
C PRO A 236 17.07 -17.59 -2.02
N ILE A 237 16.46 -16.47 -2.40
CA ILE A 237 15.13 -16.48 -2.99
C ILE A 237 15.25 -16.09 -4.45
N GLN A 238 14.73 -16.93 -5.33
CA GLN A 238 14.76 -16.69 -6.76
C GLN A 238 13.85 -15.52 -7.11
N LEU A 239 14.40 -14.50 -7.78
CA LEU A 239 13.58 -13.37 -8.23
C LEU A 239 12.48 -13.88 -9.14
N SER A 240 11.26 -13.39 -8.95
CA SER A 240 10.18 -13.89 -9.78
C SER A 240 9.02 -12.89 -9.83
N SER A 241 8.48 -12.70 -11.03
N SER A 241 8.49 -12.69 -11.04
CA SER A 241 7.30 -11.88 -11.25
CA SER A 241 7.30 -11.88 -11.28
C SER A 241 6.08 -12.70 -11.65
C SER A 241 6.08 -12.72 -11.63
N TYR A 242 6.18 -14.03 -11.59
N TYR A 242 6.20 -14.05 -11.53
CA TYR A 242 5.11 -14.90 -12.09
CA TYR A 242 5.16 -14.94 -12.04
C TYR A 242 3.75 -14.51 -11.54
C TYR A 242 3.76 -14.59 -11.53
N SER A 243 3.63 -14.35 -10.22
CA SER A 243 2.31 -14.15 -9.64
C SER A 243 1.61 -12.91 -10.17
N LEU A 244 2.36 -11.95 -10.71
CA LEU A 244 1.75 -10.73 -11.24
C LEU A 244 0.85 -11.00 -12.42
N PHE A 245 1.05 -12.11 -13.13
CA PHE A 245 0.30 -12.39 -14.34
C PHE A 245 -1.05 -13.07 -14.08
N ASP A 246 -1.40 -13.39 -12.85
CA ASP A 246 -2.73 -13.97 -12.54
C ASP A 246 -3.41 -13.11 -11.48
N MET A 247 -4.31 -12.26 -11.95
CA MET A 247 -4.96 -11.25 -11.12
C MET A 247 -6.42 -11.62 -10.86
N SER A 248 -6.86 -12.81 -11.30
CA SER A 248 -8.28 -13.13 -11.25
C SER A 248 -8.80 -13.22 -9.84
N LYS A 249 -7.96 -13.62 -8.88
CA LYS A 249 -8.44 -13.77 -7.51
C LYS A 249 -7.85 -12.72 -6.58
N PHE A 250 -7.45 -11.56 -7.15
CA PHE A 250 -6.76 -10.53 -6.38
C PHE A 250 -7.64 -9.85 -5.34
N PRO A 251 -8.86 -9.40 -5.67
CA PRO A 251 -9.61 -8.55 -4.72
C PRO A 251 -9.80 -9.23 -3.38
N LEU A 252 -9.58 -8.47 -2.31
CA LEU A 252 -9.87 -8.94 -0.96
C LEU A 252 -11.37 -9.17 -0.82
N LYS A 253 -11.75 -10.37 -0.37
CA LYS A 253 -13.17 -10.69 -0.20
C LYS A 253 -13.76 -9.89 0.94
N LEU A 254 -14.86 -9.18 0.68
CA LEU A 254 -15.57 -8.47 1.73
C LEU A 254 -16.27 -9.46 2.64
N ARG A 255 -15.58 -9.92 3.69
CA ARG A 255 -16.16 -10.92 4.58
C ARG A 255 -17.31 -10.40 5.44
N GLY A 256 -17.47 -9.09 5.56
CA GLY A 256 -18.47 -8.57 6.49
C GLY A 256 -18.23 -8.95 7.93
N THR A 257 -16.98 -9.13 8.32
CA THR A 257 -16.62 -9.45 9.70
C THR A 257 -17.34 -8.56 10.69
N ALA A 258 -17.78 -9.17 11.80
CA ALA A 258 -18.54 -8.42 12.79
C ALA A 258 -17.64 -7.43 13.53
N VAL A 259 -18.21 -6.26 13.85
CA VAL A 259 -17.56 -5.23 14.65
C VAL A 259 -18.38 -5.02 15.91
N MET A 260 -17.75 -5.14 17.07
CA MET A 260 -18.43 -4.84 18.33
C MET A 260 -17.58 -3.88 19.15
N SER A 261 -18.25 -3.10 19.99
CA SER A 261 -17.55 -2.27 20.95
C SER A 261 -17.59 -2.98 22.31
N LEU A 262 -16.42 -3.20 22.89
CA LEU A 262 -16.33 -3.92 24.15
C LEU A 262 -15.29 -3.27 25.04
N LYS A 263 -15.50 -3.38 26.34
CA LYS A 263 -14.57 -2.87 27.33
C LYS A 263 -13.61 -3.98 27.75
N GLU A 264 -12.41 -3.59 28.15
CA GLU A 264 -11.37 -4.59 28.42
C GLU A 264 -11.85 -5.70 29.35
N GLY A 265 -12.83 -5.41 30.22
CA GLY A 265 -13.32 -6.43 31.11
C GLY A 265 -14.15 -7.50 30.44
N GLN A 266 -14.63 -7.24 29.23
CA GLN A 266 -15.48 -8.19 28.52
C GLN A 266 -14.72 -9.11 27.58
N ILE A 267 -13.42 -8.89 27.40
CA ILE A 267 -12.63 -9.72 26.48
C ILE A 267 -12.27 -11.04 27.16
N ASN A 268 -13.16 -12.03 27.04
CA ASN A 268 -12.94 -13.34 27.59
C ASN A 268 -12.26 -14.25 26.55
N ASP A 269 -12.06 -15.52 26.94
CA ASP A 269 -11.36 -16.47 26.09
C ASP A 269 -12.13 -16.72 24.80
N MET A 270 -13.45 -16.68 24.85
CA MET A 270 -14.25 -16.93 23.66
C MET A 270 -14.13 -15.77 22.67
N ILE A 271 -14.10 -14.54 23.17
CA ILE A 271 -13.83 -13.38 22.33
C ILE A 271 -12.43 -13.47 21.74
N LEU A 272 -11.44 -13.76 22.59
CA LEU A 272 -10.07 -13.89 22.13
C LEU A 272 -9.96 -14.94 21.03
N SER A 273 -10.71 -16.02 21.16
CA SER A 273 -10.71 -17.06 20.12
C SER A 273 -11.24 -16.51 18.81
N LEU A 274 -12.37 -15.80 18.85
CA LEU A 274 -12.93 -15.22 17.64
C LEU A 274 -11.97 -14.21 17.03
N LEU A 275 -11.31 -13.41 17.86
CA LEU A 275 -10.34 -12.45 17.34
C LEU A 275 -9.24 -13.17 16.58
N SER A 276 -8.75 -14.26 17.15
CA SER A 276 -7.65 -15.03 16.62
C SER A 276 -7.96 -15.68 15.29
N LYS A 277 -9.24 -15.86 14.97
CA LYS A 277 -9.64 -16.53 13.74
C LYS A 277 -10.04 -15.56 12.63
N GLY A 278 -9.85 -14.26 12.83
CA GLY A 278 -10.30 -13.33 11.80
C GLY A 278 -11.80 -13.16 11.74
N ARG A 279 -12.50 -13.42 12.84
N ARG A 279 -12.52 -13.42 12.83
CA ARG A 279 -13.97 -13.44 12.87
CA ARG A 279 -13.98 -13.37 12.77
C ARG A 279 -14.57 -12.24 13.60
C ARG A 279 -14.57 -12.28 13.67
N LEU A 280 -13.75 -11.35 14.17
CA LEU A 280 -14.27 -10.30 15.02
C LEU A 280 -13.32 -9.11 15.04
N ILE A 281 -13.88 -7.91 14.98
CA ILE A 281 -13.14 -6.66 15.14
C ILE A 281 -13.73 -5.93 16.34
N ILE A 282 -12.89 -5.43 17.24
CA ILE A 282 -13.40 -4.71 18.41
C ILE A 282 -12.94 -3.27 18.33
N ARG A 283 -13.90 -2.37 18.19
CA ARG A 283 -13.64 -0.93 18.12
C ARG A 283 -14.98 -0.22 18.01
N GLU A 284 -14.97 1.06 18.34
CA GLU A 284 -16.14 1.88 18.02
C GLU A 284 -16.32 1.97 16.51
N ASN A 285 -17.56 2.22 16.09
CA ASN A 285 -17.89 2.37 14.68
C ASN A 285 -18.31 3.81 14.35
N ASN A 286 -17.63 4.78 14.95
N ASN A 286 -17.63 4.78 14.95
CA ASN A 286 -17.98 6.19 14.76
CA ASN A 286 -17.98 6.19 14.76
C ASN A 286 -17.35 6.71 13.46
C ASN A 286 -17.35 6.71 13.46
N ARG A 287 -17.39 8.04 13.30
CA ARG A 287 -16.81 8.67 12.12
C ARG A 287 -15.29 8.59 12.17
N VAL A 288 -14.67 8.62 11.01
CA VAL A 288 -13.21 8.62 10.89
C VAL A 288 -12.74 10.06 10.83
N VAL A 289 -11.94 10.48 11.82
CA VAL A 289 -11.46 11.84 11.93
C VAL A 289 -9.96 11.81 12.17
N ILE A 290 -9.20 12.57 11.38
CA ILE A 290 -7.75 12.56 11.44
C ILE A 290 -7.24 13.99 11.47
N SER A 291 -5.97 14.13 11.87
CA SER A 291 -5.35 15.44 11.87
C SER A 291 -3.83 15.30 11.86
N SER A 292 -3.18 16.37 11.43
CA SER A 292 -1.73 16.49 11.42
C SER A 292 -1.35 17.73 12.23
N ASP A 293 -0.54 17.53 13.28
CA ASP A 293 0.01 18.67 14.02
C ASP A 293 0.91 19.50 13.13
N VAL A 294 0.77 20.83 13.20
CA VAL A 294 1.60 21.76 12.43
C VAL A 294 2.35 22.67 13.39
N LEU A 295 3.68 22.74 13.25
CA LEU A 295 4.49 23.63 14.07
C LEU A 295 4.43 25.03 13.45
N VAL A 296 4.10 26.03 14.25
CA VAL A 296 4.00 27.38 13.70
C VAL A 296 5.23 28.19 14.11
N ASN A 297 5.78 28.92 13.15
CA ASN A 297 6.99 29.70 13.32
C ASN A 297 6.87 30.99 12.53
N ASN A 298 7.25 32.10 13.15
CA ASN A 298 7.39 33.40 12.48
C ASN A 298 8.86 33.77 12.53
N GLU A 299 9.56 33.62 11.40
CA GLU A 299 10.98 33.91 11.32
C GLU A 299 11.27 35.28 10.70
N ASN A 300 10.36 36.24 10.87
CA ASN A 300 10.56 37.57 10.31
C ASN A 300 11.43 38.42 11.23
N LEU A 301 12.33 39.19 10.62
CA LEU A 301 13.30 40.07 11.29
C LEU A 301 13.94 39.42 12.53
N ALA B 19 -11.07 37.57 -13.80
CA ALA B 19 -10.97 37.52 -15.25
C ALA B 19 -9.75 36.72 -15.72
N PHE B 20 -8.67 36.72 -14.93
CA PHE B 20 -7.49 35.93 -15.24
C PHE B 20 -7.50 34.61 -14.46
N ALA B 21 -7.28 33.52 -15.19
CA ALA B 21 -7.08 32.19 -14.62
C ALA B 21 -6.18 31.42 -15.55
N VAL B 22 -5.20 30.70 -14.99
CA VAL B 22 -4.29 29.93 -15.83
C VAL B 22 -5.07 28.85 -16.57
N ASP B 23 -4.77 28.69 -17.87
CA ASP B 23 -5.37 27.64 -18.69
C ASP B 23 -4.36 26.50 -18.84
N ALA B 24 -4.34 25.60 -17.85
CA ALA B 24 -3.37 24.51 -17.87
C ALA B 24 -3.67 23.53 -19.00
N ALA B 25 -4.95 23.26 -19.25
CA ALA B 25 -5.32 22.33 -20.31
C ALA B 25 -4.80 22.79 -21.65
N LYS B 26 -5.08 24.05 -22.01
CA LYS B 26 -4.55 24.60 -23.26
C LYS B 26 -3.03 24.56 -23.25
N ALA B 27 -2.40 24.87 -22.11
CA ALA B 27 -0.96 24.86 -22.05
C ALA B 27 -0.39 23.47 -22.33
N TYR B 28 -1.03 22.42 -21.79
CA TYR B 28 -0.53 21.07 -22.03
C TYR B 28 -0.76 20.66 -23.48
N LYS B 29 -1.94 20.97 -24.02
CA LYS B 29 -2.21 20.69 -25.44
C LYS B 29 -1.19 21.37 -26.34
N ASP B 30 -0.95 22.67 -26.14
CA ASP B 30 0.05 23.36 -26.95
C ASP B 30 1.43 22.76 -26.75
N TYR B 31 1.77 22.42 -25.51
CA TYR B 31 3.06 21.80 -25.24
C TYR B 31 3.21 20.50 -26.00
N LEU B 32 2.17 19.67 -26.00
CA LEU B 32 2.25 18.39 -26.72
C LEU B 32 2.36 18.61 -28.22
N ALA B 33 1.58 19.55 -28.77
CA ALA B 33 1.60 19.79 -30.20
C ALA B 33 2.97 20.30 -30.65
N SER B 34 3.62 21.09 -29.80
CA SER B 34 4.98 21.55 -30.07
C SER B 34 6.02 20.48 -29.85
N GLY B 35 5.62 19.25 -29.51
CA GLY B 35 6.57 18.16 -29.39
C GLY B 35 7.10 17.86 -28.01
N GLY B 36 6.43 18.31 -26.95
CA GLY B 36 6.91 18.04 -25.59
C GLY B 36 6.61 16.61 -25.16
N GLN B 37 7.47 16.08 -24.29
CA GLN B 37 7.30 14.71 -23.80
C GLN B 37 6.10 14.61 -22.86
N PRO B 38 5.17 13.67 -23.09
CA PRO B 38 4.01 13.55 -22.21
C PRO B 38 4.41 13.36 -20.75
N ILE B 39 3.54 13.83 -19.86
CA ILE B 39 3.70 13.58 -18.43
C ILE B 39 3.88 12.09 -18.21
N THR B 40 4.86 11.74 -17.38
CA THR B 40 5.20 10.36 -17.06
C THR B 40 4.78 10.01 -15.63
N ASN B 41 5.07 8.76 -15.25
CA ASN B 41 4.83 8.21 -13.93
C ASN B 41 3.36 8.12 -13.57
N CYS B 42 2.49 8.05 -14.57
CA CYS B 42 1.13 7.62 -14.32
C CYS B 42 1.18 6.18 -13.81
N VAL B 43 0.33 5.87 -12.84
CA VAL B 43 0.46 4.61 -12.09
C VAL B 43 -0.36 3.55 -12.81
N LYS B 44 0.31 2.68 -13.55
CA LYS B 44 -0.39 1.60 -14.26
C LYS B 44 -0.59 0.40 -13.34
N MET B 45 -1.81 -0.15 -13.36
CA MET B 45 -2.17 -1.27 -12.49
C MET B 45 -2.04 -2.61 -13.20
N LEU B 46 -1.79 -3.65 -12.40
CA LEU B 46 -1.95 -5.02 -12.88
C LEU B 46 -3.42 -5.41 -12.76
N CYS B 47 -3.92 -6.06 -13.79
CA CYS B 47 -5.32 -6.49 -13.81
C CYS B 47 -5.44 -7.59 -14.85
N THR B 48 -6.65 -8.18 -14.95
CA THR B 48 -6.86 -9.29 -15.86
C THR B 48 -6.99 -8.84 -17.30
N HIS B 49 -7.37 -7.58 -17.53
CA HIS B 49 -7.69 -7.11 -18.88
C HIS B 49 -8.87 -7.87 -19.46
N THR B 50 -9.79 -8.30 -18.59
CA THR B 50 -11.06 -8.88 -19.00
C THR B 50 -12.22 -8.08 -18.42
N GLY B 51 -12.04 -6.76 -18.27
CA GLY B 51 -13.03 -5.92 -17.62
C GLY B 51 -14.02 -5.32 -18.59
N THR B 52 -14.85 -4.41 -18.08
CA THR B 52 -15.93 -3.86 -18.87
C THR B 52 -15.45 -2.89 -19.94
N GLY B 53 -14.25 -2.32 -19.79
CA GLY B 53 -13.82 -1.29 -20.72
C GLY B 53 -14.41 0.08 -20.49
N GLN B 54 -15.21 0.26 -19.45
CA GLN B 54 -15.71 1.60 -19.16
C GLN B 54 -14.56 2.54 -18.80
N ALA B 55 -14.81 3.84 -18.93
CA ALA B 55 -13.71 4.82 -18.89
C ALA B 55 -13.15 5.01 -17.49
N ILE B 56 -14.01 5.22 -16.50
CA ILE B 56 -13.61 5.60 -15.15
C ILE B 56 -14.42 4.77 -14.17
N THR B 57 -13.73 3.97 -13.36
CA THR B 57 -14.40 2.94 -12.58
C THR B 57 -13.81 2.89 -11.18
N VAL B 58 -14.55 2.23 -10.27
CA VAL B 58 -14.10 2.14 -8.88
C VAL B 58 -13.00 1.11 -8.70
N THR B 59 -12.78 0.26 -9.68
CA THR B 59 -11.70 -0.70 -9.68
C THR B 59 -11.25 -0.88 -11.13
N PRO B 60 -10.02 -1.33 -11.36
CA PRO B 60 -9.54 -1.45 -12.75
C PRO B 60 -10.46 -2.32 -13.60
N GLU B 61 -10.81 -1.80 -14.77
CA GLU B 61 -11.76 -2.46 -15.68
C GLU B 61 -11.23 -2.55 -17.10
N ALA B 62 -9.91 -2.48 -17.31
CA ALA B 62 -9.37 -2.58 -18.66
C ALA B 62 -9.86 -3.85 -19.34
N ASN B 63 -10.19 -3.73 -20.62
CA ASN B 63 -10.37 -4.91 -21.45
C ASN B 63 -9.05 -5.19 -22.18
N MET B 64 -9.08 -6.06 -23.19
CA MET B 64 -7.87 -6.48 -23.87
C MET B 64 -7.23 -5.34 -24.66
N ASP B 65 -7.97 -4.27 -24.96
CA ASP B 65 -7.47 -3.14 -25.71
C ASP B 65 -7.04 -1.96 -24.84
N GLN B 66 -6.99 -2.12 -23.51
CA GLN B 66 -6.78 -0.98 -22.63
C GLN B 66 -5.76 -1.31 -21.53
N GLU B 67 -5.23 -0.25 -20.94
CA GLU B 67 -4.50 -0.31 -19.67
C GLU B 67 -5.30 0.45 -18.62
N SER B 68 -5.23 -0.01 -17.37
CA SER B 68 -5.86 0.67 -16.25
C SER B 68 -4.81 1.44 -15.45
N PHE B 69 -5.14 2.67 -15.06
CA PHE B 69 -4.22 3.52 -14.31
C PHE B 69 -4.92 4.05 -13.07
N GLY B 70 -4.14 4.28 -12.02
CA GLY B 70 -4.65 5.00 -10.87
C GLY B 70 -5.09 6.38 -11.32
N GLY B 71 -6.29 6.78 -10.91
CA GLY B 71 -6.91 7.97 -11.52
C GLY B 71 -6.17 9.26 -11.23
N ALA B 72 -5.84 9.51 -9.96
CA ALA B 72 -5.17 10.77 -9.60
C ALA B 72 -3.92 11.00 -10.43
N SER B 73 -3.15 9.94 -10.68
CA SER B 73 -1.88 10.09 -11.39
C SER B 73 -2.06 10.44 -12.86
N CYS B 74 -3.28 10.36 -13.38
CA CYS B 74 -3.59 10.69 -14.78
C CYS B 74 -4.36 11.99 -14.91
N CYS B 75 -4.53 12.73 -13.82
CA CYS B 75 -5.29 13.97 -13.84
C CYS B 75 -4.34 15.15 -13.93
N LEU B 76 -4.51 15.97 -14.96
CA LEU B 76 -3.63 17.12 -15.15
C LEU B 76 -3.63 18.03 -13.92
N TYR B 77 -4.82 18.28 -13.34
CA TYR B 77 -4.92 19.21 -12.23
C TYR B 77 -4.28 18.63 -10.97
N CYS B 78 -4.55 17.36 -10.67
CA CYS B 78 -3.87 16.70 -9.57
C CYS B 78 -2.35 16.75 -9.77
N ARG B 79 -1.87 16.38 -10.96
CA ARG B 79 -0.43 16.22 -11.18
C ARG B 79 0.30 17.56 -11.17
N CYS B 80 -0.38 18.63 -11.57
CA CYS B 80 0.23 19.95 -11.65
C CYS B 80 0.00 20.78 -10.38
N HIS B 81 -0.72 20.25 -9.40
CA HIS B 81 -0.99 20.95 -8.14
C HIS B 81 -1.73 22.25 -8.42
N ILE B 82 -2.83 22.15 -9.18
CA ILE B 82 -3.64 23.31 -9.50
C ILE B 82 -5.10 22.98 -9.25
N ASP B 83 -5.92 24.03 -9.18
CA ASP B 83 -7.32 23.83 -8.83
C ASP B 83 -8.07 23.11 -9.94
N HIS B 84 -9.08 22.39 -9.56
CA HIS B 84 -9.81 21.70 -10.63
C HIS B 84 -10.86 22.61 -11.25
N PRO B 85 -11.15 22.42 -12.54
CA PRO B 85 -12.20 23.23 -13.18
C PRO B 85 -13.55 23.17 -12.46
N ASN B 86 -13.95 22.01 -11.97
CA ASN B 86 -15.22 21.87 -11.24
C ASN B 86 -15.38 23.03 -10.24
N PRO B 87 -16.55 23.66 -10.18
CA PRO B 87 -16.69 24.82 -9.26
C PRO B 87 -16.51 24.46 -7.79
N LYS B 88 -16.91 23.26 -7.39
CA LYS B 88 -16.61 22.75 -6.05
C LYS B 88 -15.22 22.13 -5.96
N GLY B 89 -14.43 22.19 -7.04
CA GLY B 89 -13.09 21.65 -7.04
C GLY B 89 -12.99 20.14 -7.05
N PHE B 90 -14.07 19.44 -7.38
CA PHE B 90 -14.10 17.98 -7.35
C PHE B 90 -13.29 17.41 -8.51
N CYS B 91 -12.74 16.21 -8.32
CA CYS B 91 -11.96 15.52 -9.35
C CYS B 91 -12.70 14.29 -9.84
N ASP B 92 -12.84 14.17 -11.16
CA ASP B 92 -13.49 12.98 -11.74
C ASP B 92 -12.64 11.73 -11.62
N LEU B 93 -11.34 11.87 -11.44
CA LEU B 93 -10.44 10.73 -11.55
C LEU B 93 -9.89 10.26 -10.21
N LYS B 94 -9.53 11.19 -9.32
CA LYS B 94 -8.92 10.82 -8.04
C LYS B 94 -9.75 9.77 -7.33
N GLY B 95 -9.08 8.74 -6.82
CA GLY B 95 -9.76 7.70 -6.08
C GLY B 95 -10.46 6.66 -6.93
N LYS B 96 -10.36 6.75 -8.25
CA LYS B 96 -10.92 5.78 -9.18
C LYS B 96 -9.79 5.29 -10.10
N TYR B 97 -10.16 4.48 -11.09
CA TYR B 97 -9.22 3.97 -12.08
C TYR B 97 -9.71 4.36 -13.45
N VAL B 98 -8.77 4.74 -14.31
CA VAL B 98 -9.10 5.18 -15.66
C VAL B 98 -8.53 4.18 -16.65
N GLN B 99 -9.37 3.75 -17.60
CA GLN B 99 -8.98 2.85 -18.66
C GLN B 99 -8.52 3.67 -19.86
N ILE B 100 -7.31 3.42 -20.34
CA ILE B 100 -6.72 4.16 -21.44
C ILE B 100 -6.49 3.17 -22.58
N PRO B 101 -6.94 3.46 -23.79
CA PRO B 101 -6.56 2.63 -24.95
C PRO B 101 -5.06 2.38 -24.95
N THR B 102 -4.67 1.11 -25.15
CA THR B 102 -3.24 0.78 -25.18
C THR B 102 -2.47 1.63 -26.19
N THR B 103 -3.10 1.98 -27.31
CA THR B 103 -2.39 2.81 -28.29
C THR B 103 -2.14 4.22 -27.78
N CYS B 104 -2.89 4.67 -26.77
CA CYS B 104 -2.71 6.01 -26.22
C CYS B 104 -2.07 5.99 -24.83
N ALA B 105 -1.63 4.83 -24.34
CA ALA B 105 -1.15 4.72 -22.98
C ALA B 105 0.19 5.41 -22.76
N ASN B 106 0.82 5.91 -23.82
CA ASN B 106 2.03 6.71 -23.63
C ASN B 106 1.74 8.09 -23.06
N ASP B 107 0.47 8.52 -23.05
CA ASP B 107 0.12 9.85 -22.56
C ASP B 107 -1.26 9.81 -21.92
N PRO B 108 -1.39 9.14 -20.77
CA PRO B 108 -2.72 9.05 -20.16
C PRO B 108 -3.28 10.41 -19.77
N VAL B 109 -2.44 11.34 -19.30
CA VAL B 109 -2.94 12.67 -18.96
C VAL B 109 -3.54 13.34 -20.19
N GLY B 110 -2.78 13.36 -21.29
CA GLY B 110 -3.32 13.93 -22.51
C GLY B 110 -4.61 13.27 -22.95
N PHE B 111 -4.67 11.94 -22.81
CA PHE B 111 -5.88 11.23 -23.22
C PHE B 111 -7.07 11.66 -22.37
N THR B 112 -6.93 11.63 -21.04
CA THR B 112 -8.08 11.99 -20.22
C THR B 112 -8.49 13.43 -20.45
N LEU B 113 -7.52 14.30 -20.75
CA LEU B 113 -7.83 15.71 -20.94
C LEU B 113 -8.59 15.94 -22.24
N LYS B 114 -8.17 15.27 -23.33
CA LYS B 114 -8.72 15.54 -24.65
C LYS B 114 -10.04 14.83 -24.93
N ASN B 115 -10.42 13.84 -24.12
CA ASN B 115 -11.55 13.02 -24.48
C ASN B 115 -12.66 13.13 -23.44
N THR B 116 -13.83 12.60 -23.76
CA THR B 116 -14.98 12.73 -22.89
C THR B 116 -15.70 11.38 -22.78
N VAL B 117 -16.31 11.17 -21.62
CA VAL B 117 -16.98 9.92 -21.29
C VAL B 117 -18.44 10.05 -21.67
N CYS B 118 -18.99 9.02 -22.32
CA CYS B 118 -20.42 9.01 -22.61
C CYS B 118 -21.22 8.83 -21.33
N THR B 119 -22.07 9.80 -21.02
CA THR B 119 -22.88 9.77 -19.82
C THR B 119 -23.92 8.64 -19.82
N VAL B 120 -24.12 7.95 -20.94
CA VAL B 120 -25.13 6.91 -21.01
C VAL B 120 -24.52 5.53 -20.76
N CYS B 121 -23.49 5.16 -21.51
CA CYS B 121 -22.91 3.83 -21.38
C CYS B 121 -21.61 3.81 -20.57
N GLY B 122 -20.97 4.96 -20.38
CA GLY B 122 -19.78 5.02 -19.57
C GLY B 122 -18.48 4.71 -20.30
N MET B 123 -18.53 4.34 -21.58
CA MET B 123 -17.33 4.27 -22.40
C MET B 123 -16.85 5.65 -22.85
N TRP B 124 -15.60 5.69 -23.29
CA TRP B 124 -15.06 6.91 -23.88
C TRP B 124 -15.74 7.15 -25.21
N LYS B 125 -16.25 8.37 -25.41
CA LYS B 125 -16.73 8.76 -26.73
C LYS B 125 -15.64 8.50 -27.76
N GLY B 126 -15.97 7.70 -28.77
CA GLY B 126 -15.01 7.40 -29.81
C GLY B 126 -13.96 6.38 -29.45
N TYR B 127 -14.03 5.77 -28.26
CA TYR B 127 -13.13 4.68 -27.88
C TYR B 127 -13.89 3.61 -27.11
N GLY B 128 -15.08 3.27 -27.60
CA GLY B 128 -15.88 2.25 -26.96
C GLY B 128 -17.35 2.56 -26.96
N CYS B 129 -17.70 3.84 -26.95
CA CYS B 129 -19.11 4.23 -26.96
C CYS B 129 -19.70 3.97 -28.35
N SER B 130 -20.71 3.11 -28.40
CA SER B 130 -21.41 2.81 -29.65
C SER B 130 -22.84 3.33 -29.63
N CYS B 131 -23.19 4.21 -28.69
CA CYS B 131 -24.56 4.69 -28.57
C CYS B 131 -25.06 5.32 -29.85
N ASP B 132 -24.16 5.91 -30.64
CA ASP B 132 -24.53 6.59 -31.88
C ASP B 132 -24.32 5.71 -33.09
N GLN B 133 -24.86 4.49 -33.05
CA GLN B 133 -24.75 3.58 -34.18
C GLN B 133 -26.00 2.74 -34.43
N LEU B 134 -26.85 2.49 -33.44
CA LEU B 134 -27.97 1.57 -33.57
C LEU B 134 -28.76 1.80 -34.87
#